data_3CXJ
#
_entry.id   3CXJ
#
_cell.length_a   64.886
_cell.length_b   64.886
_cell.length_c   398.769
_cell.angle_alpha   90.00
_cell.angle_beta   90.00
_cell.angle_gamma   90.00
#
_symmetry.space_group_name_H-M   'P 43 2 2'
#
loop_
_entity.id
_entity.type
_entity.pdbx_description
1 polymer 'Uncharacterized protein'
2 water water
#
_entity_poly.entity_id   1
_entity_poly.type   'polypeptide(L)'
_entity_poly.pdbx_seq_one_letter_code
;(MSE)SLSQE(MSE)IKKWLDEEGFLR(MSE)EVPDENARFHYVVNYPEDHVIDIIQPAGKDD(MSE)ILIACATSVSPE
HQAGIRALS(MSE)EKRTEFIWKVRFTLNRFGVDFQLDHPENVLNSYLVTDEIFFDGLSKDRLISSIKNVFRAKLQV
(MSE)W(MSE)IQERFGEERPEHDS(MSE)YVEGHHHHHH
;
_entity_poly.pdbx_strand_id   A,B,C,D
#
# COMPACT_ATOMS: atom_id res chain seq x y z
N LEU A 3 9.41 17.44 -25.28
CA LEU A 3 8.76 18.51 -24.45
C LEU A 3 8.12 17.93 -23.18
N SER A 4 7.41 16.83 -23.33
CA SER A 4 6.79 16.17 -22.20
C SER A 4 7.94 15.60 -21.40
N GLN A 5 9.04 15.34 -22.10
CA GLN A 5 10.25 14.78 -21.51
C GLN A 5 11.16 15.85 -20.94
N GLU A 6 10.94 17.11 -21.31
CA GLU A 6 11.78 18.17 -20.77
C GLU A 6 11.36 18.42 -19.34
N MSE A 7 10.09 18.16 -19.06
CA MSE A 7 9.60 18.35 -17.69
C MSE A 7 10.33 17.31 -16.84
O MSE A 7 10.81 17.58 -15.75
CB MSE A 7 8.10 18.08 -17.61
CG MSE A 7 7.24 19.05 -18.35
SE MSE A 7 5.42 18.66 -17.87
CE MSE A 7 5.15 16.89 -18.60
N ILE A 8 10.40 16.10 -17.39
CA ILE A 8 11.07 15.00 -16.71
C ILE A 8 12.51 15.39 -16.48
N LYS A 9 13.21 15.69 -17.59
CA LYS A 9 14.61 16.10 -17.56
C LYS A 9 14.82 17.22 -16.52
N LYS A 10 13.88 18.14 -16.47
CA LYS A 10 13.96 19.25 -15.54
C LYS A 10 13.71 18.86 -14.10
N TRP A 11 12.66 18.08 -13.83
CA TRP A 11 12.35 17.66 -12.47
C TRP A 11 13.46 16.86 -11.78
N LEU A 12 14.18 16.08 -12.57
CA LEU A 12 15.26 15.27 -12.03
C LEU A 12 16.43 16.13 -11.57
N ASP A 13 16.64 17.25 -12.24
CA ASP A 13 17.71 18.17 -11.88
C ASP A 13 17.33 19.11 -10.76
N GLU A 14 16.06 19.48 -10.70
CA GLU A 14 15.59 20.38 -9.66
C GLU A 14 15.86 19.75 -8.31
N GLU A 15 15.95 18.42 -8.30
CA GLU A 15 16.18 17.66 -7.07
C GLU A 15 17.60 17.10 -6.96
N GLY A 16 18.46 17.45 -7.91
CA GLY A 16 19.83 16.97 -7.89
C GLY A 16 19.98 15.49 -8.17
N PHE A 17 18.95 14.91 -8.78
CA PHE A 17 18.93 13.49 -9.13
C PHE A 17 19.78 13.19 -10.35
N LEU A 18 19.24 13.53 -11.52
CA LEU A 18 19.87 13.32 -12.82
C LEU A 18 21.39 13.42 -12.83
N ARG A 19 22.03 12.48 -13.52
CA ARG A 19 23.48 12.48 -13.60
C ARG A 19 23.94 12.71 -15.04
N MSE A 20 23.22 12.14 -16.00
CA MSE A 20 23.62 12.27 -17.40
C MSE A 20 22.65 11.56 -18.31
O MSE A 20 21.97 10.64 -17.88
CB MSE A 20 25.00 11.64 -17.58
CG MSE A 20 25.03 10.20 -17.05
SE MSE A 20 26.62 9.16 -17.37
CE MSE A 20 26.17 8.22 -18.97
N GLU A 21 22.60 11.96 -19.57
CA GLU A 21 21.73 11.29 -20.53
C GLU A 21 22.55 10.16 -21.16
N VAL A 22 21.89 9.20 -21.80
CA VAL A 22 22.61 8.08 -22.39
C VAL A 22 22.06 7.61 -23.72
N PRO A 23 22.94 7.32 -24.69
CA PRO A 23 22.46 6.87 -25.99
C PRO A 23 21.71 5.55 -25.77
N ASP A 24 20.76 5.23 -26.64
CA ASP A 24 20.02 3.98 -26.47
C ASP A 24 19.31 3.58 -27.75
N GLU A 25 19.84 2.55 -28.40
CA GLU A 25 19.28 2.06 -29.66
C GLU A 25 17.80 1.67 -29.63
N ASN A 26 17.25 1.48 -28.44
CA ASN A 26 15.84 1.10 -28.34
C ASN A 26 15.06 1.96 -27.34
N ALA A 27 15.29 3.27 -27.39
CA ALA A 27 14.60 4.19 -26.49
C ALA A 27 14.56 5.62 -27.02
N ARG A 28 13.38 6.23 -26.98
CA ARG A 28 13.22 7.62 -27.42
C ARG A 28 14.26 8.39 -26.61
N PHE A 29 14.44 7.99 -25.35
CA PHE A 29 15.47 8.59 -24.51
C PHE A 29 15.87 7.71 -23.34
N HIS A 30 16.71 8.23 -22.46
CA HIS A 30 17.21 7.44 -21.34
C HIS A 30 18.03 8.35 -20.44
N TYR A 31 17.77 8.30 -19.15
CA TYR A 31 18.52 9.11 -18.20
C TYR A 31 19.05 8.24 -17.08
N VAL A 32 20.21 8.58 -16.56
CA VAL A 32 20.79 7.83 -15.48
C VAL A 32 20.74 8.71 -14.26
N VAL A 33 19.84 8.35 -13.34
CA VAL A 33 19.63 9.10 -12.11
C VAL A 33 20.48 8.52 -10.97
N ASN A 34 20.81 9.36 -10.01
CA ASN A 34 21.61 8.94 -8.88
C ASN A 34 20.85 9.19 -7.58
N TYR A 35 20.28 8.12 -7.06
CA TYR A 35 19.51 8.15 -5.83
C TYR A 35 19.54 6.81 -5.13
N PRO A 36 19.97 6.80 -3.86
CA PRO A 36 20.50 7.98 -3.16
C PRO A 36 21.99 7.85 -3.29
N GLU A 37 22.75 8.89 -2.96
CA GLU A 37 24.20 8.77 -3.07
C GLU A 37 24.58 8.46 -4.51
N ASP A 38 25.46 7.50 -4.68
CA ASP A 38 25.89 7.13 -6.03
C ASP A 38 25.11 5.95 -6.58
N HIS A 39 23.98 5.61 -5.96
CA HIS A 39 23.18 4.49 -6.45
C HIS A 39 22.61 4.85 -7.82
N VAL A 40 22.53 3.87 -8.71
CA VAL A 40 22.05 4.12 -10.04
C VAL A 40 20.67 3.57 -10.36
N ILE A 41 19.79 4.46 -10.82
CA ILE A 41 18.42 4.11 -11.22
C ILE A 41 18.23 4.60 -12.66
N ASP A 42 17.49 3.85 -13.47
CA ASP A 42 17.27 4.23 -14.86
C ASP A 42 15.87 4.73 -15.20
N ILE A 43 15.82 5.81 -15.98
CA ILE A 43 14.56 6.40 -16.43
C ILE A 43 14.63 6.24 -17.94
N ILE A 44 13.89 5.28 -18.46
CA ILE A 44 13.90 4.97 -19.88
C ILE A 44 12.54 5.03 -20.55
N GLN A 45 12.45 5.73 -21.67
CA GLN A 45 11.19 5.75 -22.40
C GLN A 45 11.44 4.82 -23.57
N PRO A 46 10.91 3.59 -23.52
CA PRO A 46 11.08 2.61 -24.60
C PRO A 46 10.83 3.17 -26.00
N ALA A 47 11.36 2.47 -27.00
CA ALA A 47 11.22 2.89 -28.39
C ALA A 47 9.80 3.16 -28.86
N GLY A 48 8.98 2.12 -28.93
CA GLY A 48 7.61 2.28 -29.41
C GLY A 48 6.70 3.28 -28.70
N LYS A 49 6.69 3.25 -27.38
CA LYS A 49 5.85 4.14 -26.59
C LYS A 49 6.45 5.52 -26.30
N ASP A 50 5.68 6.57 -26.57
CA ASP A 50 6.13 7.94 -26.32
C ASP A 50 5.25 8.60 -25.25
N ASP A 51 4.38 7.81 -24.62
CA ASP A 51 3.48 8.31 -23.58
C ASP A 51 3.77 7.67 -22.23
N MSE A 52 4.92 7.06 -22.11
CA MSE A 52 5.27 6.38 -20.88
C MSE A 52 6.75 6.47 -20.59
O MSE A 52 7.56 6.72 -21.48
CB MSE A 52 4.86 4.90 -20.99
CG MSE A 52 5.59 3.96 -20.04
SE MSE A 52 6.37 2.41 -20.87
CE MSE A 52 5.13 1.06 -20.35
N ILE A 53 7.11 6.28 -19.33
CA ILE A 53 8.51 6.23 -18.91
C ILE A 53 8.60 5.04 -17.98
N LEU A 54 9.63 4.24 -18.17
CA LEU A 54 9.85 3.05 -17.37
C LEU A 54 10.99 3.31 -16.40
N ILE A 55 10.72 3.13 -15.11
CA ILE A 55 11.70 3.32 -14.05
C ILE A 55 12.27 1.98 -13.64
N ALA A 56 13.53 1.75 -14.00
CA ALA A 56 14.19 0.51 -13.70
C ALA A 56 15.40 0.67 -12.81
N CYS A 57 15.69 -0.38 -12.05
CA CYS A 57 16.82 -0.41 -11.14
C CYS A 57 17.42 -1.81 -11.13
N ALA A 58 18.62 -1.93 -11.71
CA ALA A 58 19.36 -3.18 -11.80
C ALA A 58 20.29 -3.31 -10.61
N THR A 59 20.21 -4.45 -9.92
CA THR A 59 21.05 -4.71 -8.75
C THR A 59 21.65 -6.09 -8.91
N SER A 60 22.98 -6.13 -8.98
CA SER A 60 23.70 -7.39 -9.12
C SER A 60 24.22 -7.82 -7.76
N VAL A 61 23.94 -9.07 -7.38
CA VAL A 61 24.37 -9.62 -6.10
C VAL A 61 25.87 -9.83 -6.15
N SER A 62 26.57 -9.18 -5.23
CA SER A 62 28.03 -9.24 -5.14
C SER A 62 28.65 -10.65 -5.10
N PRO A 63 29.98 -10.73 -5.31
CA PRO A 63 30.72 -12.00 -5.29
C PRO A 63 30.61 -12.49 -3.85
N GLU A 64 30.79 -11.50 -3.00
CA GLU A 64 30.73 -11.57 -1.56
C GLU A 64 29.44 -12.24 -1.06
N HIS A 65 28.32 -11.98 -1.73
CA HIS A 65 27.04 -12.54 -1.29
C HIS A 65 26.57 -13.84 -1.88
N GLN A 66 26.69 -14.04 -3.19
CA GLN A 66 26.21 -15.35 -3.68
C GLN A 66 27.20 -16.38 -3.14
N ALA A 67 28.13 -15.89 -2.32
CA ALA A 67 29.14 -16.76 -1.71
C ALA A 67 28.29 -17.60 -0.74
N GLY A 68 27.66 -16.92 0.22
CA GLY A 68 26.83 -17.57 1.21
C GLY A 68 25.63 -18.31 0.65
N ILE A 69 24.97 -17.73 -0.36
CA ILE A 69 23.80 -18.39 -0.93
C ILE A 69 24.17 -19.71 -1.60
N ARG A 70 25.45 -19.83 -1.97
CA ARG A 70 25.98 -21.02 -2.63
C ARG A 70 26.19 -22.08 -1.56
N ALA A 71 26.63 -21.63 -0.39
CA ALA A 71 26.89 -22.54 0.73
C ALA A 71 25.62 -23.29 1.20
N LEU A 72 24.49 -22.58 1.26
CA LEU A 72 23.23 -23.17 1.68
C LEU A 72 22.82 -24.39 0.86
N SER A 73 21.96 -25.21 1.44
CA SER A 73 21.49 -26.39 0.73
C SER A 73 20.55 -25.89 -0.34
N MSE A 74 20.21 -26.74 -1.28
CA MSE A 74 19.30 -26.34 -2.34
C MSE A 74 17.96 -26.03 -1.72
O MSE A 74 17.16 -25.25 -2.26
CB MSE A 74 19.12 -27.45 -3.37
CG MSE A 74 18.26 -27.02 -4.55
SE MSE A 74 19.18 -25.75 -5.65
CE MSE A 74 17.99 -25.62 -7.16
N GLU A 75 17.71 -26.65 -0.58
CA GLU A 75 16.45 -26.44 0.12
C GLU A 75 16.35 -25.03 0.62
N LYS A 76 17.38 -24.60 1.34
CA LYS A 76 17.43 -23.25 1.91
C LYS A 76 17.52 -22.15 0.85
N ARG A 77 18.04 -22.46 -0.34
CA ARG A 77 18.14 -21.48 -1.41
C ARG A 77 16.75 -21.16 -1.90
N THR A 78 16.05 -22.22 -2.27
CA THR A 78 14.69 -22.13 -2.75
C THR A 78 13.88 -21.27 -1.76
N GLU A 79 14.02 -21.60 -0.49
CA GLU A 79 13.34 -20.91 0.57
C GLU A 79 13.57 -19.42 0.43
N PHE A 80 14.82 -19.04 0.17
CA PHE A 80 15.26 -17.65 -0.01
C PHE A 80 14.72 -17.00 -1.28
N ILE A 81 14.66 -17.76 -2.37
CA ILE A 81 14.16 -17.21 -3.62
C ILE A 81 12.66 -16.99 -3.49
N TRP A 82 12.03 -17.81 -2.67
CA TRP A 82 10.59 -17.68 -2.43
C TRP A 82 10.33 -16.46 -1.59
N LYS A 83 11.20 -16.23 -0.61
CA LYS A 83 11.07 -15.10 0.29
C LYS A 83 11.14 -13.80 -0.49
N VAL A 84 12.31 -13.56 -1.09
CA VAL A 84 12.56 -12.35 -1.86
C VAL A 84 11.46 -12.13 -2.88
N ARG A 85 10.88 -13.22 -3.36
CA ARG A 85 9.81 -13.17 -4.35
C ARG A 85 8.51 -12.59 -3.77
N PHE A 86 8.10 -13.07 -2.60
CA PHE A 86 6.87 -12.60 -1.96
C PHE A 86 7.04 -11.16 -1.51
N THR A 87 8.22 -10.87 -1.02
CA THR A 87 8.54 -9.54 -0.55
C THR A 87 8.39 -8.49 -1.64
N LEU A 88 9.01 -8.72 -2.80
CA LEU A 88 8.93 -7.77 -3.93
C LEU A 88 7.55 -7.65 -4.56
N ASN A 89 6.81 -8.76 -4.61
CA ASN A 89 5.46 -8.74 -5.21
C ASN A 89 4.49 -7.97 -4.34
N ARG A 90 5.04 -7.35 -3.30
CA ARG A 90 4.32 -6.55 -2.34
C ARG A 90 4.64 -5.06 -2.46
N PHE A 91 5.59 -4.71 -3.31
CA PHE A 91 5.98 -3.31 -3.47
C PHE A 91 5.38 -2.57 -4.65
N GLY A 92 4.41 -3.19 -5.32
CA GLY A 92 3.74 -2.57 -6.43
C GLY A 92 4.61 -2.36 -7.65
N VAL A 93 5.56 -3.27 -7.84
CA VAL A 93 6.49 -3.20 -8.95
C VAL A 93 6.59 -4.53 -9.67
N ASP A 94 7.24 -4.50 -10.82
CA ASP A 94 7.49 -5.69 -11.59
C ASP A 94 8.96 -6.02 -11.41
N PHE A 95 9.32 -7.30 -11.41
CA PHE A 95 10.70 -7.63 -11.19
C PHE A 95 11.19 -8.85 -11.94
N GLN A 96 12.50 -8.91 -12.12
CA GLN A 96 13.12 -10.03 -12.82
C GLN A 96 14.21 -10.56 -11.91
N LEU A 97 14.14 -11.86 -11.63
CA LEU A 97 15.13 -12.50 -10.77
C LEU A 97 16.10 -13.34 -11.57
N ASP A 98 17.39 -13.23 -11.26
CA ASP A 98 18.39 -14.03 -11.94
C ASP A 98 19.04 -14.99 -10.93
N HIS A 99 18.48 -16.18 -10.84
CA HIS A 99 18.94 -17.21 -9.92
C HIS A 99 19.19 -18.56 -10.58
N PRO A 100 20.35 -18.71 -11.25
CA PRO A 100 20.68 -19.97 -11.93
C PRO A 100 20.44 -21.25 -11.06
N GLU A 101 21.37 -21.56 -10.16
CA GLU A 101 21.16 -22.73 -9.29
C GLU A 101 20.55 -22.20 -7.99
N ASN A 102 19.49 -21.43 -8.14
CA ASN A 102 18.82 -20.80 -7.03
C ASN A 102 19.79 -19.94 -6.24
N VAL A 103 20.83 -19.52 -6.92
CA VAL A 103 21.82 -18.63 -6.36
C VAL A 103 21.43 -17.33 -7.05
N LEU A 104 21.24 -16.28 -6.27
CA LEU A 104 20.83 -15.00 -6.84
C LEU A 104 22.02 -14.18 -7.33
N ASN A 105 22.08 -13.99 -8.64
CA ASN A 105 23.16 -13.23 -9.27
C ASN A 105 22.79 -11.76 -9.33
N SER A 106 21.56 -11.50 -9.80
CA SER A 106 21.05 -10.13 -9.92
C SER A 106 19.51 -10.10 -9.85
N TYR A 107 18.97 -8.89 -9.72
CA TYR A 107 17.53 -8.70 -9.67
C TYR A 107 17.16 -7.26 -10.10
N LEU A 108 16.25 -7.19 -11.07
CA LEU A 108 15.78 -5.93 -11.66
C LEU A 108 14.40 -5.52 -11.13
N VAL A 109 14.31 -4.29 -10.60
CA VAL A 109 13.05 -3.78 -10.09
C VAL A 109 12.55 -2.67 -11.02
N THR A 110 11.35 -2.85 -11.56
CA THR A 110 10.77 -1.92 -12.51
C THR A 110 9.38 -1.36 -12.18
N ASP A 111 9.14 -0.14 -12.64
CA ASP A 111 7.84 0.52 -12.48
C ASP A 111 7.66 1.56 -13.59
N GLU A 112 6.51 1.52 -14.24
CA GLU A 112 6.25 2.47 -15.31
C GLU A 112 5.19 3.48 -14.91
N ILE A 113 5.32 4.69 -15.45
CA ILE A 113 4.38 5.75 -15.18
C ILE A 113 3.90 6.18 -16.56
N PHE A 114 2.59 6.28 -16.75
CA PHE A 114 2.08 6.74 -18.03
C PHE A 114 1.85 8.23 -17.89
N PHE A 115 1.83 8.95 -19.00
CA PHE A 115 1.67 10.39 -18.92
C PHE A 115 0.32 10.89 -18.42
N ASP A 116 -0.71 10.09 -18.59
CA ASP A 116 -2.05 10.47 -18.10
C ASP A 116 -1.96 10.78 -16.63
N GLY A 117 -0.90 10.30 -15.99
CA GLY A 117 -0.73 10.52 -14.58
C GLY A 117 0.64 10.97 -14.14
N LEU A 118 1.41 11.52 -15.09
CA LEU A 118 2.74 12.02 -14.78
C LEU A 118 2.69 13.36 -14.04
N SER A 119 3.63 13.57 -13.14
CA SER A 119 3.73 14.79 -12.39
C SER A 119 5.06 14.68 -11.65
N LYS A 120 5.63 15.79 -11.20
CA LYS A 120 6.89 15.73 -10.47
C LYS A 120 6.70 14.83 -9.24
N ASP A 121 5.62 15.08 -8.52
CA ASP A 121 5.24 14.37 -7.29
C ASP A 121 5.15 12.86 -7.53
N ARG A 122 4.48 12.50 -8.61
CA ARG A 122 4.29 11.11 -8.94
C ARG A 122 5.62 10.50 -9.34
N LEU A 123 6.38 11.23 -10.15
CA LEU A 123 7.68 10.77 -10.64
C LEU A 123 8.61 10.46 -9.49
N ILE A 124 8.89 11.47 -8.68
CA ILE A 124 9.78 11.32 -7.54
C ILE A 124 9.36 10.20 -6.59
N SER A 125 8.07 9.92 -6.53
CA SER A 125 7.54 8.87 -5.65
C SER A 125 7.88 7.49 -6.17
N SER A 126 7.58 7.25 -7.44
CA SER A 126 7.89 5.96 -8.05
C SER A 126 9.36 5.64 -7.94
N ILE A 127 10.22 6.62 -8.20
CA ILE A 127 11.65 6.40 -8.11
C ILE A 127 11.99 5.94 -6.68
N LYS A 128 11.52 6.70 -5.69
CA LYS A 128 11.80 6.34 -4.31
C LYS A 128 11.26 4.99 -3.93
N ASN A 129 10.14 4.62 -4.54
CA ASN A 129 9.55 3.34 -4.22
C ASN A 129 10.35 2.21 -4.80
N VAL A 130 10.76 2.37 -6.05
CA VAL A 130 11.57 1.35 -6.69
C VAL A 130 12.82 1.14 -5.87
N PHE A 131 13.33 2.21 -5.29
CA PHE A 131 14.51 2.08 -4.45
C PHE A 131 14.19 1.20 -3.25
N ARG A 132 13.16 1.55 -2.51
CA ARG A 132 12.74 0.80 -1.33
C ARG A 132 12.46 -0.67 -1.64
N ALA A 133 11.86 -0.95 -2.79
CA ALA A 133 11.58 -2.33 -3.17
C ALA A 133 12.87 -3.15 -3.26
N LYS A 134 13.84 -2.62 -3.98
CA LYS A 134 15.12 -3.28 -4.17
C LYS A 134 15.95 -3.18 -2.90
N LEU A 135 15.64 -2.19 -2.07
CA LEU A 135 16.34 -2.03 -0.82
C LEU A 135 16.03 -3.17 0.13
N GLN A 136 14.75 -3.48 0.33
CA GLN A 136 14.39 -4.55 1.25
C GLN A 136 15.11 -5.84 0.90
N VAL A 137 15.23 -6.11 -0.40
CA VAL A 137 15.91 -7.32 -0.82
C VAL A 137 17.39 -7.24 -0.46
N MSE A 138 17.97 -6.05 -0.62
CA MSE A 138 19.37 -5.87 -0.29
C MSE A 138 19.55 -6.03 1.22
O MSE A 138 20.56 -6.54 1.68
CB MSE A 138 19.84 -4.48 -0.74
CG MSE A 138 21.36 -4.36 -0.77
SE MSE A 138 22.02 -2.54 -0.82
CE MSE A 138 22.11 -2.08 1.04
N TRP A 139 18.56 -5.61 2.00
CA TRP A 139 18.65 -5.74 3.44
C TRP A 139 18.41 -7.18 3.88
N MSE A 140 17.71 -7.92 3.04
CA MSE A 140 17.42 -9.31 3.36
C MSE A 140 18.71 -10.11 3.26
O MSE A 140 19.04 -10.88 4.15
CB MSE A 140 16.38 -9.91 2.39
CG MSE A 140 14.95 -9.48 2.63
SE MSE A 140 13.75 -10.55 1.54
CE MSE A 140 13.33 -9.32 0.18
N ILE A 141 19.39 -9.94 2.13
CA ILE A 141 20.66 -10.63 1.90
C ILE A 141 21.63 -10.22 2.98
N GLN A 142 21.64 -8.91 3.26
CA GLN A 142 22.51 -8.32 4.27
C GLN A 142 22.29 -8.81 5.69
N GLU A 143 21.04 -8.89 6.13
CA GLU A 143 20.79 -9.34 7.49
C GLU A 143 21.25 -10.79 7.64
N ARG A 144 21.12 -11.58 6.57
CA ARG A 144 21.54 -12.98 6.60
C ARG A 144 23.06 -13.12 6.55
N PHE A 145 23.64 -12.62 5.47
CA PHE A 145 25.09 -12.71 5.25
C PHE A 145 25.99 -11.53 5.59
N GLY A 146 25.48 -10.52 6.30
CA GLY A 146 26.32 -9.38 6.66
C GLY A 146 26.49 -8.31 5.58
N LEU B 3 1.28 31.58 -2.68
CA LEU B 3 -0.13 31.15 -2.39
C LEU B 3 -0.19 29.69 -1.94
N SER B 4 0.76 28.89 -2.42
CA SER B 4 0.81 27.49 -2.04
C SER B 4 0.93 27.47 -0.53
N GLN B 5 1.71 28.44 -0.02
CA GLN B 5 1.97 28.57 1.41
C GLN B 5 0.76 28.92 2.29
N GLU B 6 -0.12 29.79 1.82
CA GLU B 6 -1.28 30.20 2.59
C GLU B 6 -2.34 29.10 2.61
N MSE B 7 -2.31 28.25 1.59
CA MSE B 7 -3.24 27.14 1.47
C MSE B 7 -2.85 26.06 2.48
O MSE B 7 -3.68 25.57 3.23
CB MSE B 7 -3.16 26.57 0.05
CG MSE B 7 -3.76 27.49 -0.97
SE MSE B 7 -5.61 27.87 -0.56
CE MSE B 7 -5.51 29.57 0.35
N ILE B 8 -1.56 25.72 2.46
CA ILE B 8 -1.03 24.74 3.39
C ILE B 8 -1.38 25.17 4.81
N LYS B 9 -1.06 26.43 5.11
CA LYS B 9 -1.31 27.03 6.41
C LYS B 9 -2.77 27.05 6.81
N LYS B 10 -3.66 27.35 5.85
CA LYS B 10 -5.08 27.40 6.18
C LYS B 10 -5.65 26.01 6.35
N TRP B 11 -5.14 25.06 5.57
CA TRP B 11 -5.61 23.68 5.66
C TRP B 11 -5.29 23.11 7.03
N LEU B 12 -4.05 23.32 7.46
CA LEU B 12 -3.60 22.84 8.75
C LEU B 12 -4.41 23.52 9.86
N ASP B 13 -4.68 24.82 9.69
CA ASP B 13 -5.43 25.58 10.67
C ASP B 13 -6.85 25.03 10.71
N GLU B 14 -7.38 24.70 9.53
CA GLU B 14 -8.72 24.17 9.39
C GLU B 14 -8.92 22.86 10.14
N GLU B 15 -7.83 22.15 10.39
CA GLU B 15 -7.91 20.88 11.08
C GLU B 15 -7.39 20.91 12.52
N GLY B 16 -6.85 22.04 12.93
CA GLY B 16 -6.33 22.15 14.29
C GLY B 16 -4.94 21.55 14.38
N PHE B 17 -4.43 21.14 13.21
CA PHE B 17 -3.11 20.55 13.10
C PHE B 17 -2.04 21.59 13.37
N LEU B 18 -2.32 22.83 13.00
CA LEU B 18 -1.39 23.93 13.16
C LEU B 18 -1.16 24.33 14.62
N ARG B 19 0.07 24.70 14.94
CA ARG B 19 0.42 25.13 16.29
C ARG B 19 1.04 26.53 16.17
N MSE B 20 2.15 26.63 15.44
CA MSE B 20 2.84 27.90 15.25
C MSE B 20 4.02 27.74 14.30
O MSE B 20 4.40 26.61 13.98
CB MSE B 20 3.30 28.45 16.62
CG MSE B 20 3.90 27.40 17.56
SE MSE B 20 5.80 27.11 17.52
CE MSE B 20 6.09 26.10 19.15
N GLU B 21 4.61 28.85 13.85
CA GLU B 21 5.76 28.77 12.94
C GLU B 21 7.08 28.71 13.72
N VAL B 22 8.16 29.09 13.06
CA VAL B 22 9.48 29.11 13.68
C VAL B 22 10.53 29.44 12.62
N PRO B 23 11.51 30.29 12.97
CA PRO B 23 12.57 30.67 12.03
C PRO B 23 13.56 29.58 11.69
N ASP B 24 13.31 28.88 10.59
CA ASP B 24 14.22 27.83 10.15
C ASP B 24 15.14 28.49 9.13
N GLU B 25 16.33 28.87 9.57
CA GLU B 25 17.27 29.55 8.68
C GLU B 25 17.78 28.70 7.51
N ASN B 26 17.04 27.63 7.20
CA ASN B 26 17.39 26.75 6.09
C ASN B 26 16.16 26.54 5.24
N ALA B 27 15.01 26.83 5.82
CA ALA B 27 13.75 26.64 5.13
C ALA B 27 13.03 27.93 4.74
N ARG B 28 12.45 27.93 3.54
CA ARG B 28 11.69 29.06 3.07
C ARG B 28 10.64 29.32 4.13
N PHE B 29 10.07 28.24 4.65
CA PHE B 29 9.12 28.36 5.75
C PHE B 29 9.15 27.08 6.58
N HIS B 30 8.51 27.09 7.74
CA HIS B 30 8.53 25.94 8.62
C HIS B 30 7.37 25.93 9.60
N TYR B 31 6.24 25.36 9.23
CA TYR B 31 5.11 25.30 10.14
C TYR B 31 5.30 24.14 11.09
N VAL B 32 4.58 24.15 12.21
CA VAL B 32 4.67 23.10 13.20
C VAL B 32 3.29 22.58 13.55
N VAL B 33 3.05 21.33 13.18
CA VAL B 33 1.77 20.68 13.41
C VAL B 33 1.74 19.90 14.73
N ASN B 34 0.54 19.63 15.21
CA ASN B 34 0.36 18.88 16.43
C ASN B 34 -0.66 17.79 16.20
N TYR B 35 -0.18 16.65 15.71
CA TYR B 35 -1.04 15.51 15.41
C TYR B 35 -0.42 14.18 15.86
N PRO B 36 -1.10 13.45 16.75
CA PRO B 36 -2.38 13.91 17.29
C PRO B 36 -2.13 14.69 18.57
N GLU B 37 -3.21 15.05 19.26
CA GLU B 37 -3.13 15.80 20.51
C GLU B 37 -1.87 16.67 20.60
N ASP B 38 -0.90 16.25 21.41
CA ASP B 38 0.31 17.03 21.58
C ASP B 38 1.52 16.46 20.83
N HIS B 39 1.27 15.57 19.88
CA HIS B 39 2.35 14.97 19.10
C HIS B 39 2.94 16.01 18.12
N VAL B 40 4.26 16.03 18.01
CA VAL B 40 4.94 17.01 17.16
C VAL B 40 5.41 16.63 15.76
N ILE B 41 4.82 17.24 14.74
CA ILE B 41 5.21 16.99 13.34
C ILE B 41 5.64 18.29 12.62
N ASP B 42 6.73 18.23 11.84
CA ASP B 42 7.22 19.39 11.10
C ASP B 42 6.83 19.41 9.62
N ILE B 43 6.57 20.62 9.11
CA ILE B 43 6.23 20.87 7.71
C ILE B 43 7.26 21.89 7.24
N ILE B 44 8.24 21.43 6.48
CA ILE B 44 9.36 22.25 6.03
C ILE B 44 9.54 22.42 4.52
N GLN B 45 9.88 23.62 4.09
CA GLN B 45 10.14 23.86 2.66
C GLN B 45 11.60 24.29 2.52
N PRO B 46 12.49 23.35 2.17
CA PRO B 46 13.92 23.56 1.98
C PRO B 46 14.28 24.83 1.21
N ALA B 47 15.49 25.32 1.44
CA ALA B 47 15.98 26.53 0.79
C ALA B 47 15.68 26.57 -0.70
N GLY B 48 16.40 25.75 -1.47
CA GLY B 48 16.21 25.72 -2.92
C GLY B 48 14.81 25.36 -3.41
N LYS B 49 14.21 24.37 -2.77
CA LYS B 49 12.88 23.91 -3.16
C LYS B 49 11.81 24.97 -2.87
N ASP B 50 11.04 25.29 -3.90
CA ASP B 50 9.95 26.25 -3.78
C ASP B 50 8.71 25.56 -4.33
N ASP B 51 8.89 24.30 -4.69
CA ASP B 51 7.82 23.47 -5.24
C ASP B 51 7.69 22.19 -4.42
N MSE B 52 7.85 22.32 -3.11
CA MSE B 52 7.77 21.15 -2.24
C MSE B 52 7.75 21.43 -0.75
O MSE B 52 8.25 22.45 -0.30
CB MSE B 52 8.93 20.20 -2.58
CG MSE B 52 9.12 19.06 -1.59
SE MSE B 52 10.92 18.95 -0.95
CE MSE B 52 11.68 17.61 -2.04
N ILE B 53 7.17 20.50 -0.01
CA ILE B 53 7.13 20.56 1.44
C ILE B 53 7.56 19.18 1.92
N LEU B 54 8.26 19.17 3.04
CA LEU B 54 8.74 17.95 3.65
C LEU B 54 7.90 17.79 4.91
N ILE B 55 7.50 16.56 5.21
CA ILE B 55 6.74 16.31 6.42
C ILE B 55 7.62 15.41 7.26
N ALA B 56 8.33 15.98 8.22
CA ALA B 56 9.22 15.18 9.04
C ALA B 56 8.67 14.99 10.44
N CYS B 57 9.13 13.93 11.08
CA CYS B 57 8.73 13.61 12.43
C CYS B 57 9.80 12.77 13.07
N ALA B 58 10.71 13.43 13.79
CA ALA B 58 11.80 12.76 14.49
C ALA B 58 11.23 12.31 15.83
N THR B 59 11.71 11.15 16.30
CA THR B 59 11.25 10.64 17.58
C THR B 59 12.41 10.10 18.41
N SER B 60 12.41 10.50 19.68
CA SER B 60 13.44 10.06 20.61
C SER B 60 12.85 8.98 21.48
N VAL B 61 13.53 7.85 21.55
CA VAL B 61 13.06 6.76 22.38
C VAL B 61 13.48 7.06 23.83
N SER B 62 12.51 6.96 24.75
CA SER B 62 12.76 7.24 26.14
C SER B 62 13.98 6.54 26.71
N PRO B 63 14.58 7.13 27.77
CA PRO B 63 15.76 6.54 28.40
C PRO B 63 15.46 5.16 29.01
N GLU B 64 14.22 4.97 29.44
CA GLU B 64 13.80 3.70 30.01
C GLU B 64 13.67 2.61 28.93
N HIS B 65 13.43 3.04 27.70
CA HIS B 65 13.31 2.11 26.59
C HIS B 65 14.68 1.81 26.03
N GLN B 66 15.56 2.79 26.07
CA GLN B 66 16.91 2.59 25.56
C GLN B 66 17.60 1.64 26.54
N ALA B 67 17.06 1.55 27.75
CA ALA B 67 17.59 0.68 28.78
C ALA B 67 17.28 -0.74 28.36
N GLY B 68 16.00 -0.99 28.07
CA GLY B 68 15.58 -2.30 27.63
C GLY B 68 16.42 -2.85 26.50
N ILE B 69 16.59 -2.06 25.44
CA ILE B 69 17.38 -2.50 24.32
C ILE B 69 18.88 -2.62 24.58
N ARG B 70 19.41 -1.84 25.52
CA ARG B 70 20.84 -1.92 25.83
C ARG B 70 21.14 -3.18 26.63
N ALA B 71 20.15 -3.61 27.41
CA ALA B 71 20.26 -4.81 28.24
C ALA B 71 20.50 -6.03 27.38
N LEU B 72 19.74 -6.12 26.29
CA LEU B 72 19.83 -7.24 25.35
C LEU B 72 21.22 -7.50 24.80
N SER B 73 21.46 -8.73 24.36
CA SER B 73 22.72 -9.09 23.76
C SER B 73 22.83 -8.30 22.46
N MSE B 74 24.01 -8.28 21.86
CA MSE B 74 24.19 -7.55 20.61
C MSE B 74 23.39 -8.19 19.49
O MSE B 74 22.93 -7.51 18.58
CB MSE B 74 25.66 -7.52 20.19
CG MSE B 74 25.92 -6.66 18.98
SE MSE B 74 25.39 -4.79 19.25
CE MSE B 74 26.86 -4.06 20.22
N GLU B 75 23.22 -9.50 19.58
CA GLU B 75 22.48 -10.25 18.58
C GLU B 75 20.99 -9.91 18.60
N LYS B 76 20.41 -9.85 19.80
CA LYS B 76 19.00 -9.52 19.92
C LYS B 76 18.74 -8.06 19.51
N ARG B 77 19.78 -7.24 19.59
CA ARG B 77 19.73 -5.82 19.23
C ARG B 77 19.75 -5.64 17.72
N THR B 78 20.70 -6.33 17.08
CA THR B 78 20.84 -6.26 15.64
C THR B 78 19.56 -6.81 15.01
N GLU B 79 18.97 -7.80 15.66
CA GLU B 79 17.72 -8.41 15.21
C GLU B 79 16.59 -7.39 15.29
N PHE B 80 16.62 -6.56 16.33
CA PHE B 80 15.61 -5.54 16.53
C PHE B 80 15.74 -4.40 15.51
N ILE B 81 16.97 -3.97 15.24
CA ILE B 81 17.20 -2.89 14.30
C ILE B 81 16.71 -3.31 12.92
N TRP B 82 17.01 -4.56 12.54
CA TRP B 82 16.54 -5.11 11.26
C TRP B 82 15.02 -5.10 11.19
N LYS B 83 14.37 -5.48 12.28
CA LYS B 83 12.90 -5.48 12.35
C LYS B 83 12.30 -4.10 12.04
N VAL B 84 12.85 -3.07 12.66
CA VAL B 84 12.35 -1.72 12.42
C VAL B 84 12.71 -1.20 11.02
N ARG B 85 13.84 -1.62 10.46
CA ARG B 85 14.20 -1.19 9.12
C ARG B 85 13.19 -1.77 8.12
N PHE B 86 12.90 -3.06 8.29
CA PHE B 86 11.96 -3.76 7.41
C PHE B 86 10.55 -3.27 7.63
N THR B 87 10.26 -2.78 8.82
CA THR B 87 8.90 -2.29 9.07
C THR B 87 8.67 -0.95 8.43
N LEU B 88 9.52 0.01 8.74
CA LEU B 88 9.37 1.34 8.19
C LEU B 88 9.42 1.37 6.68
N ASN B 89 10.33 0.57 6.12
CA ASN B 89 10.50 0.55 4.68
C ASN B 89 9.26 0.14 3.88
N ARG B 90 8.19 -0.27 4.57
CA ARG B 90 6.99 -0.64 3.86
C ARG B 90 5.90 0.39 4.06
N PHE B 91 6.29 1.59 4.49
CA PHE B 91 5.33 2.65 4.70
C PHE B 91 5.42 3.72 3.62
N GLY B 92 6.31 3.51 2.67
CA GLY B 92 6.46 4.47 1.60
C GLY B 92 6.98 5.78 2.12
N VAL B 93 7.81 5.69 3.15
CA VAL B 93 8.40 6.87 3.78
C VAL B 93 9.90 6.70 3.88
N ASP B 94 10.59 7.83 3.88
CA ASP B 94 12.03 7.82 4.04
C ASP B 94 12.25 7.89 5.55
N PHE B 95 13.38 7.38 6.03
CA PHE B 95 13.66 7.41 7.46
C PHE B 95 15.14 7.27 7.76
N GLN B 96 15.51 7.62 8.99
CA GLN B 96 16.90 7.50 9.42
C GLN B 96 16.97 7.12 10.88
N LEU B 97 17.63 6.01 11.14
CA LEU B 97 17.79 5.51 12.50
C LEU B 97 19.10 5.95 13.13
N ASP B 98 19.02 6.34 14.39
CA ASP B 98 20.21 6.73 15.15
C ASP B 98 20.35 5.70 16.27
N HIS B 99 21.26 4.75 16.08
CA HIS B 99 21.49 3.70 17.08
C HIS B 99 22.97 3.55 17.39
N PRO B 100 23.43 4.15 18.51
CA PRO B 100 24.81 4.12 18.99
C PRO B 100 25.45 2.76 18.77
N GLU B 101 25.30 1.86 19.73
CA GLU B 101 25.84 0.53 19.53
C GLU B 101 24.64 -0.38 19.35
N ASN B 102 23.84 -0.05 18.34
CA ASN B 102 22.62 -0.75 18.00
C ASN B 102 21.56 -0.59 19.06
N VAL B 103 21.68 0.48 19.85
CA VAL B 103 20.69 0.80 20.85
C VAL B 103 19.96 2.02 20.28
N LEU B 104 18.83 1.79 19.63
CA LEU B 104 18.05 2.86 19.03
C LEU B 104 17.91 4.05 19.96
N ASN B 105 18.34 5.20 19.46
CA ASN B 105 18.29 6.45 20.21
C ASN B 105 17.13 7.31 19.68
N SER B 106 17.15 7.50 18.36
CA SER B 106 16.12 8.29 17.71
C SER B 106 15.92 7.74 16.30
N TYR B 107 14.74 7.98 15.75
CA TYR B 107 14.42 7.54 14.40
C TYR B 107 13.56 8.59 13.74
N LEU B 108 14.03 9.09 12.60
CA LEU B 108 13.31 10.12 11.87
C LEU B 108 12.57 9.55 10.65
N VAL B 109 11.30 9.91 10.53
CA VAL B 109 10.45 9.46 9.43
C VAL B 109 10.02 10.68 8.62
N THR B 110 10.28 10.64 7.31
CA THR B 110 9.93 11.76 6.46
C THR B 110 9.38 11.43 5.06
N ASP B 111 8.31 12.14 4.69
CA ASP B 111 7.69 12.02 3.38
C ASP B 111 7.61 13.45 2.87
N GLU B 112 7.50 13.62 1.56
CA GLU B 112 7.41 14.96 1.01
C GLU B 112 6.54 15.08 -0.22
N ILE B 113 5.75 16.15 -0.25
CA ILE B 113 4.82 16.44 -1.33
C ILE B 113 5.39 17.52 -2.25
N PHE B 114 5.14 17.39 -3.55
CA PHE B 114 5.57 18.42 -4.47
C PHE B 114 4.28 19.12 -4.90
N PHE B 115 4.27 20.45 -4.84
CA PHE B 115 3.12 21.27 -5.19
C PHE B 115 2.43 20.81 -6.45
N ASP B 116 3.19 20.10 -7.27
CA ASP B 116 2.74 19.52 -8.53
C ASP B 116 1.45 18.70 -8.29
N GLY B 117 1.34 18.12 -7.10
CA GLY B 117 0.19 17.31 -6.75
C GLY B 117 -0.28 17.56 -5.33
N LEU B 118 -0.07 18.77 -4.85
CA LEU B 118 -0.48 19.16 -3.51
C LEU B 118 -1.98 19.50 -3.47
N SER B 119 -2.67 18.99 -2.45
CA SER B 119 -4.10 19.22 -2.22
C SER B 119 -4.29 19.05 -0.73
N LYS B 120 -5.47 19.37 -0.22
CA LYS B 120 -5.68 19.18 1.21
C LYS B 120 -5.78 17.70 1.50
N ASP B 121 -6.56 17.01 0.68
CA ASP B 121 -6.78 15.57 0.80
C ASP B 121 -5.43 14.88 0.86
N ARG B 122 -4.48 15.33 0.03
CA ARG B 122 -3.15 14.74 0.00
C ARG B 122 -2.25 15.21 1.16
N LEU B 123 -2.26 16.50 1.47
CA LEU B 123 -1.43 17.02 2.56
C LEU B 123 -1.71 16.29 3.87
N ILE B 124 -3.00 16.15 4.16
CA ILE B 124 -3.46 15.51 5.37
C ILE B 124 -3.13 14.01 5.41
N SER B 125 -3.37 13.31 4.32
CA SER B 125 -3.12 11.87 4.21
C SER B 125 -1.66 11.56 4.41
N SER B 126 -0.83 12.46 3.92
CA SER B 126 0.59 12.30 4.03
C SER B 126 1.08 12.49 5.48
N ILE B 127 0.40 13.36 6.21
CA ILE B 127 0.74 13.62 7.61
C ILE B 127 0.39 12.39 8.40
N LYS B 128 -0.83 11.90 8.22
CA LYS B 128 -1.30 10.72 8.91
C LYS B 128 -0.51 9.45 8.60
N ASN B 129 0.04 9.35 7.41
CA ASN B 129 0.85 8.18 7.03
C ASN B 129 2.23 8.24 7.68
N VAL B 130 2.76 9.46 7.80
CA VAL B 130 4.07 9.67 8.44
C VAL B 130 3.87 9.27 9.90
N PHE B 131 2.67 9.54 10.40
CA PHE B 131 2.36 9.21 11.78
C PHE B 131 2.29 7.72 12.03
N ARG B 132 1.51 7.01 11.22
CA ARG B 132 1.36 5.57 11.39
C ARG B 132 2.70 4.83 11.35
N ALA B 133 3.60 5.29 10.47
CA ALA B 133 4.90 4.67 10.33
C ALA B 133 5.78 4.81 11.57
N LYS B 134 5.73 5.96 12.22
CA LYS B 134 6.53 6.18 13.43
C LYS B 134 5.75 5.66 14.62
N LEU B 135 4.45 5.49 14.44
CA LEU B 135 3.60 4.97 15.49
C LEU B 135 3.77 3.45 15.64
N GLN B 136 3.89 2.75 14.52
CA GLN B 136 4.06 1.31 14.57
C GLN B 136 5.44 0.95 15.11
N VAL B 137 6.41 1.84 14.96
CA VAL B 137 7.75 1.56 15.49
C VAL B 137 7.70 1.77 17.00
N MSE B 138 6.89 2.71 17.43
CA MSE B 138 6.74 3.01 18.85
C MSE B 138 6.06 1.84 19.54
O MSE B 138 6.36 1.51 20.69
CB MSE B 138 5.90 4.28 19.01
CG MSE B 138 5.81 4.79 20.44
SE MSE B 138 4.56 6.27 20.57
CE MSE B 138 2.93 5.38 21.07
N TRP B 139 5.10 1.22 18.84
CA TRP B 139 4.38 0.07 19.36
C TRP B 139 5.24 -1.18 19.49
N MSE B 140 6.27 -1.27 18.65
CA MSE B 140 7.18 -2.40 18.69
C MSE B 140 7.98 -2.28 19.98
O MSE B 140 8.20 -3.24 20.70
CB MSE B 140 8.13 -2.38 17.49
CG MSE B 140 7.45 -2.46 16.11
SE MSE B 140 8.83 -2.72 14.72
CE MSE B 140 8.93 -0.98 13.87
N ILE B 141 8.45 -1.07 20.26
CA ILE B 141 9.22 -0.82 21.47
C ILE B 141 8.37 -1.04 22.71
N GLN B 142 7.17 -0.45 22.74
CA GLN B 142 6.27 -0.58 23.88
C GLN B 142 5.76 -2.00 24.08
N GLU B 143 5.66 -2.75 23.00
CA GLU B 143 5.18 -4.12 23.06
C GLU B 143 6.26 -5.00 23.66
N ARG B 144 7.50 -4.68 23.34
CA ARG B 144 8.61 -5.46 23.86
C ARG B 144 9.09 -4.98 25.23
N PHE B 145 9.06 -3.67 25.47
CA PHE B 145 9.55 -3.13 26.74
C PHE B 145 8.54 -2.44 27.64
N GLY B 146 7.25 -2.64 27.42
CA GLY B 146 6.25 -2.01 28.27
C GLY B 146 5.78 -0.62 27.85
N LEU C 3 -23.11 21.23 -2.16
CA LEU C 3 -22.82 21.07 -3.62
C LEU C 3 -22.31 19.65 -3.88
N SER C 4 -21.31 19.25 -3.09
CA SER C 4 -20.72 17.93 -3.20
C SER C 4 -21.56 16.87 -2.50
N GLN C 5 -22.44 17.30 -1.62
CA GLN C 5 -23.30 16.37 -0.90
C GLN C 5 -24.26 15.64 -1.82
N GLU C 6 -24.81 16.38 -2.77
CA GLU C 6 -25.76 15.81 -3.70
C GLU C 6 -25.11 14.79 -4.66
N MSE C 7 -23.80 14.93 -4.87
CA MSE C 7 -23.04 14.03 -5.75
C MSE C 7 -22.66 12.77 -4.99
O MSE C 7 -22.77 11.65 -5.52
CB MSE C 7 -21.76 14.71 -6.27
CG MSE C 7 -21.95 15.65 -7.45
SE MSE C 7 -22.60 14.88 -9.12
CE MSE C 7 -24.50 15.28 -9.09
N ILE C 8 -22.21 12.95 -3.76
CA ILE C 8 -21.83 11.82 -2.91
C ILE C 8 -23.07 10.94 -2.78
N LYS C 9 -24.23 11.58 -2.61
CA LYS C 9 -25.50 10.87 -2.48
C LYS C 9 -25.85 10.19 -3.81
N LYS C 10 -25.78 10.95 -4.90
CA LYS C 10 -26.08 10.42 -6.22
C LYS C 10 -25.32 9.12 -6.50
N TRP C 11 -24.01 9.11 -6.22
CA TRP C 11 -23.16 7.93 -6.45
C TRP C 11 -23.47 6.68 -5.62
N LEU C 12 -23.62 6.86 -4.31
CA LEU C 12 -23.94 5.75 -3.41
C LEU C 12 -25.20 5.04 -3.88
N ASP C 13 -26.20 5.83 -4.26
CA ASP C 13 -27.45 5.26 -4.75
C ASP C 13 -27.28 4.54 -6.09
N GLU C 14 -26.41 5.08 -6.93
CA GLU C 14 -26.14 4.49 -8.24
C GLU C 14 -25.58 3.09 -8.12
N GLU C 15 -24.91 2.84 -7.01
CA GLU C 15 -24.30 1.54 -6.75
C GLU C 15 -25.16 0.70 -5.81
N GLY C 16 -26.30 1.25 -5.41
CA GLY C 16 -27.17 0.52 -4.50
C GLY C 16 -26.79 0.87 -3.07
N PHE C 17 -25.50 0.79 -2.78
CA PHE C 17 -24.94 1.09 -1.47
C PHE C 17 -25.84 1.86 -0.50
N LEU C 18 -26.32 3.02 -0.93
CA LEU C 18 -27.15 3.85 -0.06
C LEU C 18 -28.40 3.17 0.51
N ARG C 19 -28.66 3.43 1.79
CA ARG C 19 -29.82 2.89 2.46
C ARG C 19 -30.79 3.99 2.89
N MSE C 20 -30.31 4.90 3.75
CA MSE C 20 -31.15 5.98 4.26
C MSE C 20 -30.28 7.08 4.84
O MSE C 20 -29.06 7.05 4.70
CB MSE C 20 -32.06 5.43 5.36
CG MSE C 20 -31.28 4.65 6.41
SE MSE C 20 -32.22 4.32 8.03
CE MSE C 20 -31.36 5.57 9.23
N GLU C 21 -30.93 8.03 5.49
CA GLU C 21 -30.23 9.14 6.15
C GLU C 21 -30.66 9.14 7.62
N VAL C 22 -30.02 9.95 8.46
CA VAL C 22 -30.38 9.98 9.87
C VAL C 22 -29.92 11.25 10.60
N PRO C 23 -30.85 11.91 11.32
CA PRO C 23 -30.66 13.14 12.10
C PRO C 23 -29.47 13.22 13.07
N ASP C 24 -28.25 13.25 12.55
CA ASP C 24 -27.08 13.35 13.41
C ASP C 24 -26.86 14.82 13.78
N GLU C 25 -26.98 15.12 15.06
CA GLU C 25 -26.82 16.49 15.55
C GLU C 25 -25.39 17.00 15.55
N ASN C 26 -24.46 16.20 15.05
CA ASN C 26 -23.06 16.61 15.03
C ASN C 26 -22.46 16.63 13.63
N ALA C 27 -23.29 16.40 12.63
CA ALA C 27 -22.84 16.37 11.24
C ALA C 27 -23.78 17.10 10.31
N ARG C 28 -23.22 17.70 9.26
CA ARG C 28 -24.04 18.40 8.28
C ARG C 28 -24.94 17.34 7.68
N PHE C 29 -24.35 16.21 7.29
CA PHE C 29 -25.15 15.12 6.78
C PHE C 29 -24.62 13.80 7.32
N HIS C 30 -25.40 12.74 7.17
CA HIS C 30 -25.04 11.43 7.68
C HIS C 30 -25.82 10.39 6.90
N TYR C 31 -25.20 9.85 5.86
CA TYR C 31 -25.85 8.81 5.06
C TYR C 31 -25.34 7.46 5.55
N VAL C 32 -26.27 6.55 5.82
CA VAL C 32 -25.90 5.22 6.27
C VAL C 32 -25.90 4.28 5.07
N VAL C 33 -24.71 3.79 4.74
CA VAL C 33 -24.51 2.90 3.60
C VAL C 33 -24.54 1.42 3.97
N ASN C 34 -24.82 0.57 2.98
CA ASN C 34 -24.91 -0.86 3.18
C ASN C 34 -23.99 -1.64 2.25
N TYR C 35 -22.74 -1.84 2.69
CA TYR C 35 -21.74 -2.60 1.93
C TYR C 35 -20.84 -3.43 2.87
N PRO C 36 -20.76 -4.76 2.64
CA PRO C 36 -21.46 -5.51 1.60
C PRO C 36 -22.91 -5.64 2.00
N GLU C 37 -23.64 -6.58 1.40
CA GLU C 37 -25.03 -6.73 1.76
C GLU C 37 -25.18 -7.01 3.24
N ASP C 38 -25.98 -6.14 3.87
CA ASP C 38 -26.29 -6.18 5.29
C ASP C 38 -25.24 -5.51 6.18
N HIS C 39 -24.04 -5.25 5.64
CA HIS C 39 -22.99 -4.60 6.45
C HIS C 39 -23.21 -3.09 6.50
N VAL C 40 -23.02 -2.51 7.66
CA VAL C 40 -23.25 -1.08 7.81
C VAL C 40 -22.06 -0.15 7.97
N ILE C 41 -21.91 0.77 7.03
CA ILE C 41 -20.84 1.75 7.05
C ILE C 41 -21.48 3.14 7.06
N ASP C 42 -20.87 4.06 7.81
CA ASP C 42 -21.39 5.41 7.94
C ASP C 42 -20.59 6.53 7.29
N ILE C 43 -21.26 7.36 6.51
CA ILE C 43 -20.63 8.50 5.84
C ILE C 43 -21.08 9.77 6.54
N ILE C 44 -20.18 10.35 7.33
CA ILE C 44 -20.45 11.55 8.13
C ILE C 44 -19.64 12.78 7.70
N GLN C 45 -20.13 13.94 8.10
CA GLN C 45 -19.46 15.20 7.80
C GLN C 45 -19.60 16.13 9.00
N PRO C 46 -18.58 16.18 9.87
CA PRO C 46 -18.60 17.03 11.07
C PRO C 46 -19.40 18.34 10.89
N ALA C 47 -20.08 18.74 11.96
CA ALA C 47 -20.91 19.93 11.94
C ALA C 47 -20.21 21.18 11.39
N GLY C 48 -18.97 21.41 11.80
CA GLY C 48 -18.25 22.57 11.32
C GLY C 48 -17.15 22.23 10.34
N LYS C 49 -17.51 21.51 9.29
CA LYS C 49 -16.55 21.08 8.28
C LYS C 49 -17.22 20.98 6.91
N ASP C 50 -16.76 21.80 5.96
CA ASP C 50 -17.32 21.82 4.61
C ASP C 50 -16.67 20.81 3.67
N ASP C 51 -15.37 20.96 3.55
CA ASP C 51 -14.53 20.18 2.66
C ASP C 51 -14.21 18.76 3.05
N MSE C 52 -15.17 17.98 3.52
CA MSE C 52 -14.79 16.64 3.91
C MSE C 52 -15.89 15.72 4.39
O MSE C 52 -16.94 16.15 4.85
CB MSE C 52 -13.69 16.75 4.97
CG MSE C 52 -13.16 15.47 5.56
SE MSE C 52 -13.58 15.38 7.42
CE MSE C 52 -11.89 15.68 8.23
N ILE C 53 -15.64 14.41 4.26
CA ILE C 53 -16.56 13.40 4.74
C ILE C 53 -15.72 12.35 5.45
N LEU C 54 -16.39 11.51 6.23
CA LEU C 54 -15.73 10.47 7.01
C LEU C 54 -16.37 9.14 6.71
N ILE C 55 -15.57 8.12 6.42
CA ILE C 55 -16.13 6.79 6.17
C ILE C 55 -15.82 6.04 7.46
N ALA C 56 -16.86 5.74 8.22
CA ALA C 56 -16.68 5.08 9.50
C ALA C 56 -17.41 3.77 9.56
N CYS C 57 -16.74 2.75 10.11
CA CYS C 57 -17.33 1.44 10.26
C CYS C 57 -17.12 0.89 11.67
N ALA C 58 -18.15 0.95 12.50
CA ALA C 58 -18.07 0.45 13.87
C ALA C 58 -18.46 -1.03 13.91
N THR C 59 -17.72 -1.82 14.69
CA THR C 59 -17.99 -3.25 14.81
C THR C 59 -17.81 -3.73 16.25
N SER C 60 -18.86 -4.35 16.79
CA SER C 60 -18.83 -4.89 18.14
C SER C 60 -18.58 -6.39 18.07
N VAL C 61 -17.75 -6.90 18.97
CA VAL C 61 -17.43 -8.32 18.98
C VAL C 61 -18.49 -9.10 19.74
N SER C 62 -19.11 -10.05 19.05
CA SER C 62 -20.15 -10.88 19.65
C SER C 62 -19.65 -11.33 21.03
N PRO C 63 -20.59 -11.48 21.98
CA PRO C 63 -20.26 -11.90 23.36
C PRO C 63 -19.57 -13.26 23.42
N GLU C 64 -19.79 -14.08 22.40
CA GLU C 64 -19.17 -15.40 22.33
C GLU C 64 -17.68 -15.20 22.11
N HIS C 65 -17.33 -14.50 21.04
CA HIS C 65 -15.94 -14.22 20.71
C HIS C 65 -15.29 -13.49 21.85
N GLN C 66 -16.02 -12.55 22.44
CA GLN C 66 -15.49 -11.78 23.54
C GLN C 66 -15.27 -12.74 24.70
N ALA C 67 -16.04 -13.82 24.71
CA ALA C 67 -15.96 -14.84 25.75
C ALA C 67 -14.70 -15.67 25.59
N GLY C 68 -14.33 -15.93 24.34
CA GLY C 68 -13.14 -16.71 24.02
C GLY C 68 -11.87 -15.98 24.40
N ILE C 69 -11.84 -14.67 24.17
CA ILE C 69 -10.67 -13.87 24.50
C ILE C 69 -10.64 -13.62 26.02
N ARG C 70 -11.76 -13.92 26.66
CA ARG C 70 -11.91 -13.80 28.12
C ARG C 70 -11.19 -15.04 28.66
N ALA C 71 -11.49 -16.16 28.03
CA ALA C 71 -10.93 -17.47 28.38
C ALA C 71 -9.40 -17.57 28.27
N LEU C 72 -8.76 -16.58 27.63
CA LEU C 72 -7.30 -16.61 27.51
C LEU C 72 -6.67 -15.94 28.71
N SER C 73 -5.35 -16.08 28.82
CA SER C 73 -4.60 -15.46 29.91
C SER C 73 -4.52 -13.96 29.64
N MSE C 74 -3.96 -13.21 30.58
CA MSE C 74 -3.84 -11.76 30.39
C MSE C 74 -2.64 -11.44 29.51
O MSE C 74 -2.41 -10.30 29.12
CB MSE C 74 -3.73 -11.04 31.76
CG MSE C 74 -3.51 -9.55 31.70
SE MSE C 74 -4.77 -8.50 30.66
CE MSE C 74 -6.38 -9.55 30.78
N GLU C 75 -1.87 -12.47 29.17
CA GLU C 75 -0.71 -12.27 28.32
C GLU C 75 -1.11 -12.62 26.90
N LYS C 76 -1.96 -13.64 26.77
CA LYS C 76 -2.44 -14.05 25.46
C LYS C 76 -3.41 -12.98 24.95
N ARG C 77 -3.99 -12.21 25.87
CA ARG C 77 -4.92 -11.14 25.50
C ARG C 77 -4.11 -9.94 25.00
N THR C 78 -3.08 -9.58 25.74
CA THR C 78 -2.21 -8.47 25.36
C THR C 78 -1.61 -8.73 23.99
N GLU C 79 -1.23 -9.98 23.78
CA GLU C 79 -0.65 -10.42 22.53
C GLU C 79 -1.65 -10.23 21.39
N PHE C 80 -2.92 -10.53 21.64
CA PHE C 80 -3.95 -10.39 20.64
C PHE C 80 -4.29 -8.95 20.32
N ILE C 81 -4.22 -8.08 21.33
CA ILE C 81 -4.51 -6.66 21.14
C ILE C 81 -3.48 -6.06 20.20
N TRP C 82 -2.21 -6.35 20.48
CA TRP C 82 -1.10 -5.87 19.66
C TRP C 82 -1.23 -6.32 18.22
N LYS C 83 -1.70 -7.55 18.02
CA LYS C 83 -1.86 -8.09 16.68
C LYS C 83 -2.85 -7.31 15.84
N VAL C 84 -4.00 -6.96 16.43
CA VAL C 84 -5.02 -6.19 15.71
C VAL C 84 -4.52 -4.75 15.56
N ARG C 85 -3.71 -4.28 16.50
CA ARG C 85 -3.18 -2.92 16.36
C ARG C 85 -2.21 -2.83 15.19
N PHE C 86 -1.30 -3.78 15.12
CA PHE C 86 -0.32 -3.80 14.05
C PHE C 86 -1.01 -4.05 12.72
N THR C 87 -2.04 -4.88 12.72
CA THR C 87 -2.76 -5.17 11.49
C THR C 87 -3.43 -3.97 10.86
N LEU C 88 -4.25 -3.27 11.66
CA LEU C 88 -4.97 -2.11 11.19
C LEU C 88 -4.12 -0.90 10.82
N ASN C 89 -2.97 -0.75 11.45
CA ASN C 89 -2.10 0.39 11.17
C ASN C 89 -1.43 0.26 9.79
N ARG C 90 -1.59 -0.89 9.15
CA ARG C 90 -1.04 -1.11 7.83
C ARG C 90 -2.09 -0.86 6.76
N PHE C 91 -3.32 -0.54 7.17
CA PHE C 91 -4.41 -0.29 6.23
C PHE C 91 -4.68 1.14 5.82
N GLY C 92 -3.92 2.08 6.37
CA GLY C 92 -4.14 3.46 6.01
C GLY C 92 -5.50 3.98 6.41
N VAL C 93 -5.94 3.55 7.59
CA VAL C 93 -7.22 3.93 8.18
C VAL C 93 -6.92 4.25 9.64
N ASP C 94 -7.79 5.04 10.26
CA ASP C 94 -7.60 5.35 11.66
C ASP C 94 -8.52 4.41 12.42
N PHE C 95 -8.18 4.07 13.66
CA PHE C 95 -9.03 3.19 14.45
C PHE C 95 -9.08 3.48 15.94
N GLN C 96 -10.22 3.16 16.54
CA GLN C 96 -10.48 3.33 17.97
C GLN C 96 -10.65 1.92 18.52
N LEU C 97 -9.83 1.56 19.49
CA LEU C 97 -9.90 0.21 20.08
C LEU C 97 -10.56 0.20 21.45
N ASP C 98 -11.57 -0.67 21.61
CA ASP C 98 -12.25 -0.76 22.89
C ASP C 98 -11.96 -2.11 23.54
N HIS C 99 -11.03 -2.12 24.49
CA HIS C 99 -10.65 -3.34 25.17
C HIS C 99 -10.51 -3.14 26.67
N PRO C 100 -11.62 -3.29 27.42
CA PRO C 100 -11.63 -3.13 28.89
C PRO C 100 -10.34 -3.66 29.50
N GLU C 101 -10.30 -4.97 29.74
CA GLU C 101 -9.10 -5.60 30.28
C GLU C 101 -8.56 -6.47 29.17
N ASN C 102 -8.15 -5.79 28.11
CA ASN C 102 -7.63 -6.42 26.92
C ASN C 102 -8.57 -7.46 26.36
N VAL C 103 -9.86 -7.24 26.62
CA VAL C 103 -10.90 -8.11 26.07
C VAL C 103 -11.58 -7.16 25.07
N LEU C 104 -11.34 -7.41 23.78
CA LEU C 104 -11.89 -6.57 22.74
C LEU C 104 -13.41 -6.49 22.73
N ASN C 105 -13.91 -5.31 23.07
CA ASN C 105 -15.34 -5.02 23.11
C ASN C 105 -15.83 -4.77 21.68
N SER C 106 -15.24 -3.74 21.07
CA SER C 106 -15.56 -3.34 19.72
C SER C 106 -14.33 -2.63 19.17
N TYR C 107 -14.34 -2.36 17.86
CA TYR C 107 -13.25 -1.64 17.22
C TYR C 107 -13.83 -0.77 16.10
N LEU C 108 -13.26 0.41 15.93
CA LEU C 108 -13.75 1.36 14.95
C LEU C 108 -12.64 1.81 13.99
N VAL C 109 -12.90 1.66 12.70
CA VAL C 109 -11.96 2.06 11.65
C VAL C 109 -12.59 3.17 10.80
N THR C 110 -11.86 4.27 10.69
CA THR C 110 -12.32 5.42 9.95
C THR C 110 -11.30 5.93 8.93
N ASP C 111 -11.81 6.65 7.93
CA ASP C 111 -11.00 7.26 6.88
C ASP C 111 -11.75 8.49 6.39
N GLU C 112 -11.02 9.52 5.95
CA GLU C 112 -11.67 10.74 5.50
C GLU C 112 -11.24 11.15 4.09
N ILE C 113 -12.16 11.76 3.35
CA ILE C 113 -11.85 12.25 2.02
C ILE C 113 -12.11 13.74 2.01
N PHE C 114 -11.14 14.51 1.54
CA PHE C 114 -11.30 15.94 1.45
C PHE C 114 -11.68 16.23 0.01
N PHE C 115 -12.76 16.99 -0.17
CA PHE C 115 -13.31 17.29 -1.48
C PHE C 115 -12.38 17.61 -2.64
N ASP C 116 -11.15 18.04 -2.37
CA ASP C 116 -10.27 18.30 -3.50
C ASP C 116 -9.66 16.96 -3.98
N GLY C 117 -10.22 15.88 -3.45
CA GLY C 117 -9.77 14.55 -3.80
C GLY C 117 -10.96 13.63 -4.04
N LEU C 118 -12.15 14.17 -3.81
CA LEU C 118 -13.40 13.45 -3.98
C LEU C 118 -13.72 13.13 -5.44
N SER C 119 -14.33 11.96 -5.65
CA SER C 119 -14.77 11.48 -6.95
C SER C 119 -15.44 10.14 -6.69
N LYS C 120 -16.29 9.67 -7.58
CA LYS C 120 -16.96 8.38 -7.35
C LYS C 120 -15.92 7.29 -7.14
N ASP C 121 -15.00 7.16 -8.09
CA ASP C 121 -13.92 6.16 -8.03
C ASP C 121 -13.23 6.10 -6.66
N ARG C 122 -12.86 7.26 -6.15
CA ARG C 122 -12.18 7.38 -4.87
C ARG C 122 -13.04 7.03 -3.67
N LEU C 123 -14.26 7.54 -3.66
CA LEU C 123 -15.22 7.28 -2.59
C LEU C 123 -15.43 5.77 -2.50
N ILE C 124 -15.89 5.16 -3.61
CA ILE C 124 -16.11 3.73 -3.62
C ILE C 124 -14.90 2.97 -3.08
N SER C 125 -13.69 3.46 -3.36
CA SER C 125 -12.46 2.83 -2.90
C SER C 125 -12.28 2.98 -1.39
N SER C 126 -12.38 4.21 -0.91
CA SER C 126 -12.23 4.48 0.50
C SER C 126 -13.21 3.66 1.34
N ILE C 127 -14.38 3.37 0.77
CA ILE C 127 -15.36 2.58 1.49
C ILE C 127 -14.89 1.14 1.56
N LYS C 128 -14.51 0.59 0.40
CA LYS C 128 -14.03 -0.78 0.32
C LYS C 128 -12.78 -1.03 1.14
N ASN C 129 -11.92 -0.03 1.22
CA ASN C 129 -10.72 -0.16 2.00
C ASN C 129 -11.06 -0.18 3.49
N VAL C 130 -12.02 0.65 3.87
CA VAL C 130 -12.43 0.69 5.27
C VAL C 130 -13.00 -0.68 5.62
N PHE C 131 -13.74 -1.25 4.68
CA PHE C 131 -14.31 -2.57 4.92
C PHE C 131 -13.24 -3.65 5.06
N ARG C 132 -12.21 -3.59 4.23
CA ARG C 132 -11.14 -4.58 4.25
C ARG C 132 -10.34 -4.52 5.55
N ALA C 133 -10.12 -3.32 6.04
CA ALA C 133 -9.38 -3.13 7.26
C ALA C 133 -10.14 -3.80 8.39
N LYS C 134 -11.46 -3.63 8.34
CA LYS C 134 -12.38 -4.17 9.32
C LYS C 134 -12.52 -5.68 9.18
N LEU C 135 -12.77 -6.14 7.99
CA LEU C 135 -12.91 -7.57 7.74
C LEU C 135 -11.70 -8.35 8.24
N GLN C 136 -10.50 -7.80 8.04
CA GLN C 136 -9.28 -8.46 8.48
C GLN C 136 -9.29 -8.82 9.94
N VAL C 137 -9.56 -7.83 10.80
CA VAL C 137 -9.60 -8.07 12.24
C VAL C 137 -10.73 -9.07 12.57
N MSE C 138 -11.85 -8.96 11.88
CA MSE C 138 -12.95 -9.89 12.13
C MSE C 138 -12.53 -11.33 11.80
O MSE C 138 -12.93 -12.26 12.50
CB MSE C 138 -14.16 -9.51 11.27
CG MSE C 138 -15.32 -10.47 11.44
SE MSE C 138 -16.69 -10.26 10.10
CE MSE C 138 -16.42 -11.86 9.03
N TRP C 139 -11.77 -11.50 10.72
CA TRP C 139 -11.30 -12.83 10.29
C TRP C 139 -10.23 -13.38 11.22
N MSE C 140 -9.49 -12.48 11.85
CA MSE C 140 -8.43 -12.87 12.77
C MSE C 140 -9.16 -13.48 13.95
O MSE C 140 -8.80 -14.53 14.47
CB MSE C 140 -7.65 -11.65 13.26
CG MSE C 140 -6.44 -11.28 12.42
SE MSE C 140 -5.63 -9.68 13.19
CE MSE C 140 -6.35 -8.40 12.01
N ILE C 141 -10.20 -12.78 14.39
CA ILE C 141 -11.03 -13.18 15.54
C ILE C 141 -11.66 -14.54 15.30
N GLN C 142 -12.34 -14.69 14.16
CA GLN C 142 -12.99 -15.94 13.85
C GLN C 142 -12.03 -17.08 13.62
N GLU C 143 -10.90 -16.81 12.97
CA GLU C 143 -9.96 -17.89 12.71
C GLU C 143 -9.47 -18.46 14.02
N ARG C 144 -9.39 -17.61 15.04
CA ARG C 144 -8.94 -18.08 16.33
C ARG C 144 -10.09 -18.68 17.15
N PHE C 145 -11.24 -18.01 17.13
CA PHE C 145 -12.38 -18.47 17.92
C PHE C 145 -13.63 -18.96 17.18
N GLY C 146 -13.48 -19.64 16.04
CA GLY C 146 -14.65 -20.14 15.33
C GLY C 146 -15.49 -19.10 14.60
N LEU D 3 -16.20 6.50 -25.58
CA LEU D 3 -14.89 7.21 -25.41
C LEU D 3 -13.99 6.47 -24.44
N SER D 4 -14.57 6.05 -23.31
CA SER D 4 -13.83 5.30 -22.32
C SER D 4 -13.48 3.93 -22.88
N GLN D 5 -14.46 3.29 -23.53
CA GLN D 5 -14.25 1.97 -24.12
C GLN D 5 -13.22 2.12 -25.23
N GLU D 6 -13.38 3.21 -25.98
CA GLU D 6 -12.49 3.55 -27.09
C GLU D 6 -11.07 3.80 -26.63
N MSE D 7 -10.95 4.46 -25.49
CA MSE D 7 -9.65 4.76 -24.92
C MSE D 7 -9.05 3.51 -24.33
O MSE D 7 -7.85 3.26 -24.44
CB MSE D 7 -9.80 5.85 -23.87
CG MSE D 7 -10.14 7.19 -24.49
SE MSE D 7 -8.70 7.80 -25.64
CE MSE D 7 -9.37 7.71 -27.46
N ILE D 8 -9.90 2.71 -23.70
CA ILE D 8 -9.46 1.46 -23.10
C ILE D 8 -8.93 0.53 -24.19
N LYS D 9 -9.68 0.41 -25.29
CA LYS D 9 -9.28 -0.43 -26.43
C LYS D 9 -7.90 0.04 -26.92
N LYS D 10 -7.82 1.35 -27.10
CA LYS D 10 -6.62 2.03 -27.55
C LYS D 10 -5.44 1.77 -26.62
N TRP D 11 -5.63 1.98 -25.31
CA TRP D 11 -4.53 1.78 -24.37
C TRP D 11 -4.00 0.35 -24.33
N LEU D 12 -4.91 -0.62 -24.24
CA LEU D 12 -4.52 -2.05 -24.19
C LEU D 12 -3.69 -2.42 -25.40
N ASP D 13 -4.12 -1.93 -26.57
CA ASP D 13 -3.40 -2.22 -27.80
C ASP D 13 -2.01 -1.60 -27.87
N GLU D 14 -1.85 -0.42 -27.26
CA GLU D 14 -0.57 0.26 -27.28
C GLU D 14 0.48 -0.46 -26.45
N GLU D 15 0.03 -1.20 -25.44
CA GLU D 15 0.93 -1.94 -24.55
C GLU D 15 1.11 -3.41 -24.89
N GLY D 16 0.35 -3.90 -25.88
CA GLY D 16 0.44 -5.29 -26.29
C GLY D 16 -0.50 -6.19 -25.52
N PHE D 17 -1.23 -5.58 -24.59
CA PHE D 17 -2.19 -6.29 -23.74
C PHE D 17 -3.40 -6.83 -24.50
N LEU D 18 -4.16 -5.93 -25.11
CA LEU D 18 -5.37 -6.29 -25.86
C LEU D 18 -5.16 -7.52 -26.73
N ARG D 19 -5.80 -8.61 -26.33
CA ARG D 19 -5.70 -9.85 -27.08
C ARG D 19 -6.86 -9.84 -28.08
N MSE D 20 -8.07 -9.70 -27.56
CA MSE D 20 -9.24 -9.71 -28.42
C MSE D 20 -10.52 -9.37 -27.66
O MSE D 20 -10.58 -9.55 -26.45
CB MSE D 20 -9.40 -11.08 -29.08
CG MSE D 20 -9.32 -12.23 -28.09
SE MSE D 20 -10.33 -13.79 -28.63
CE MSE D 20 -12.02 -13.49 -27.74
N GLU D 21 -11.52 -8.93 -28.39
CA GLU D 21 -12.82 -8.60 -27.82
C GLU D 21 -13.72 -9.82 -27.98
N VAL D 22 -14.67 -10.00 -27.07
CA VAL D 22 -15.53 -11.17 -27.16
C VAL D 22 -16.98 -10.90 -26.72
N PRO D 23 -17.95 -11.31 -27.55
CA PRO D 23 -19.38 -11.13 -27.25
C PRO D 23 -19.79 -11.58 -25.85
N ASP D 24 -20.47 -10.70 -25.14
CA ASP D 24 -20.92 -10.97 -23.78
C ASP D 24 -22.26 -10.28 -23.60
N GLU D 25 -23.32 -11.07 -23.49
CA GLU D 25 -24.65 -10.52 -23.33
C GLU D 25 -24.84 -9.69 -22.06
N ASN D 26 -24.04 -9.95 -21.04
CA ASN D 26 -24.15 -9.23 -19.78
C ASN D 26 -23.16 -8.10 -19.58
N ALA D 27 -22.54 -7.65 -20.67
CA ALA D 27 -21.58 -6.57 -20.60
C ALA D 27 -21.65 -5.64 -21.82
N ARG D 28 -21.43 -4.35 -21.58
CA ARG D 28 -21.44 -3.38 -22.66
C ARG D 28 -20.31 -3.79 -23.61
N PHE D 29 -19.14 -4.07 -23.06
CA PHE D 29 -18.02 -4.55 -23.86
C PHE D 29 -17.24 -5.55 -23.02
N HIS D 30 -16.27 -6.22 -23.62
CA HIS D 30 -15.53 -7.23 -22.89
C HIS D 30 -14.22 -7.56 -23.60
N TYR D 31 -13.12 -7.03 -23.09
CA TYR D 31 -11.83 -7.30 -23.71
C TYR D 31 -11.07 -8.39 -22.98
N VAL D 32 -10.31 -9.17 -23.74
CA VAL D 32 -9.51 -10.24 -23.18
C VAL D 32 -8.06 -9.79 -23.24
N VAL D 33 -7.37 -9.89 -22.11
CA VAL D 33 -5.99 -9.45 -22.05
C VAL D 33 -5.01 -10.57 -21.82
N ASN D 34 -3.84 -10.43 -22.42
CA ASN D 34 -2.80 -11.42 -22.26
C ASN D 34 -1.61 -10.78 -21.60
N TYR D 35 -1.69 -10.68 -20.27
CA TYR D 35 -0.65 -10.11 -19.39
C TYR D 35 -0.60 -11.01 -18.15
N PRO D 36 0.60 -11.50 -17.78
CA PRO D 36 1.89 -11.37 -18.47
C PRO D 36 1.77 -11.93 -19.87
N GLU D 37 2.80 -12.51 -20.49
CA GLU D 37 2.49 -12.87 -21.88
C GLU D 37 1.45 -13.93 -22.26
N ASP D 38 1.31 -15.05 -21.57
CA ASP D 38 0.25 -15.96 -22.00
C ASP D 38 -0.86 -16.09 -20.97
N HIS D 39 -0.77 -15.29 -19.92
CA HIS D 39 -1.74 -15.24 -18.83
C HIS D 39 -2.91 -14.39 -19.30
N VAL D 40 -4.14 -14.74 -18.90
CA VAL D 40 -5.33 -14.00 -19.32
C VAL D 40 -6.11 -13.20 -18.27
N ILE D 41 -6.51 -11.98 -18.65
CA ILE D 41 -7.30 -11.12 -17.76
C ILE D 41 -8.49 -10.57 -18.54
N ASP D 42 -9.58 -10.26 -17.83
CA ASP D 42 -10.80 -9.76 -18.44
C ASP D 42 -11.18 -8.33 -18.05
N ILE D 43 -11.21 -7.44 -19.03
CA ILE D 43 -11.60 -6.05 -18.79
C ILE D 43 -13.06 -6.00 -19.23
N ILE D 44 -13.97 -5.74 -18.29
CA ILE D 44 -15.39 -5.76 -18.61
C ILE D 44 -16.21 -4.62 -18.07
N GLN D 45 -17.15 -4.13 -18.87
CA GLN D 45 -18.04 -3.10 -18.39
C GLN D 45 -19.38 -3.78 -18.13
N PRO D 46 -19.76 -3.91 -16.85
CA PRO D 46 -21.04 -4.53 -16.53
C PRO D 46 -22.13 -3.91 -17.40
N ALA D 47 -23.11 -4.71 -17.80
CA ALA D 47 -24.20 -4.24 -18.65
C ALA D 47 -24.94 -3.03 -18.11
N GLY D 48 -25.40 -3.12 -16.86
CA GLY D 48 -26.16 -2.03 -16.26
C GLY D 48 -25.35 -0.90 -15.63
N LYS D 49 -24.04 -0.94 -15.82
CA LYS D 49 -23.15 0.09 -15.29
C LYS D 49 -22.69 1.01 -16.42
N ASP D 50 -22.99 2.30 -16.28
CA ASP D 50 -22.62 3.32 -17.27
C ASP D 50 -21.26 3.95 -17.00
N ASP D 51 -20.78 3.83 -15.77
CA ASP D 51 -19.52 4.46 -15.39
C ASP D 51 -18.49 3.57 -14.70
N MSE D 52 -18.39 2.32 -15.12
CA MSE D 52 -17.46 1.44 -14.45
C MSE D 52 -16.99 0.28 -15.26
O MSE D 52 -17.69 -0.25 -16.09
CB MSE D 52 -18.09 0.91 -13.16
CG MSE D 52 -17.18 0.07 -12.34
SE MSE D 52 -18.20 -1.24 -11.46
CE MSE D 52 -19.05 -0.24 -10.13
N ILE D 53 -15.76 -0.14 -14.99
CA ILE D 53 -15.20 -1.28 -15.68
C ILE D 53 -14.71 -2.22 -14.59
N LEU D 54 -14.77 -3.52 -14.89
CA LEU D 54 -14.37 -4.57 -13.98
C LEU D 54 -13.11 -5.22 -14.51
N ILE D 55 -12.14 -5.42 -13.64
CA ILE D 55 -10.89 -6.07 -14.02
C ILE D 55 -10.96 -7.40 -13.29
N ALA D 56 -11.12 -8.48 -14.04
CA ALA D 56 -11.25 -9.79 -13.43
C ALA D 56 -10.20 -10.78 -13.88
N CYS D 57 -9.71 -11.56 -12.93
CA CYS D 57 -8.73 -12.60 -13.21
C CYS D 57 -9.16 -13.88 -12.51
N ALA D 58 -9.68 -14.81 -13.32
CA ALA D 58 -10.15 -16.08 -12.81
C ALA D 58 -9.01 -17.09 -12.84
N THR D 59 -8.92 -17.92 -11.80
CA THR D 59 -7.85 -18.91 -11.73
C THR D 59 -8.36 -20.24 -11.21
N SER D 60 -8.11 -21.31 -11.96
CA SER D 60 -8.56 -22.64 -11.57
C SER D 60 -7.41 -23.32 -10.85
N VAL D 61 -7.67 -23.81 -9.64
CA VAL D 61 -6.64 -24.53 -8.92
C VAL D 61 -6.49 -25.80 -9.75
N SER D 62 -5.32 -25.99 -10.34
CA SER D 62 -5.13 -27.17 -11.17
C SER D 62 -5.55 -28.43 -10.44
N PRO D 63 -6.07 -29.42 -11.18
CA PRO D 63 -6.54 -30.69 -10.60
C PRO D 63 -5.51 -31.31 -9.67
N GLU D 64 -4.27 -31.34 -10.14
CA GLU D 64 -3.17 -31.91 -9.39
C GLU D 64 -2.39 -30.87 -8.60
N HIS D 65 -3.13 -30.13 -7.77
CA HIS D 65 -2.58 -29.11 -6.88
C HIS D 65 -3.63 -29.06 -5.81
N GLN D 66 -4.77 -29.69 -6.11
CA GLN D 66 -5.85 -29.75 -5.14
C GLN D 66 -5.70 -31.14 -4.57
N ALA D 67 -4.92 -31.96 -5.25
CA ALA D 67 -4.70 -33.32 -4.79
C ALA D 67 -3.78 -33.01 -3.63
N GLY D 68 -2.89 -32.05 -3.86
CA GLY D 68 -1.95 -31.64 -2.85
C GLY D 68 -2.67 -31.21 -1.60
N ILE D 69 -3.65 -30.34 -1.75
CA ILE D 69 -4.38 -29.88 -0.59
C ILE D 69 -5.51 -30.83 -0.21
N ARG D 70 -5.73 -31.85 -1.01
CA ARG D 70 -6.76 -32.85 -0.70
C ARG D 70 -6.20 -33.64 0.48
N ALA D 71 -4.94 -34.04 0.33
CA ALA D 71 -4.22 -34.80 1.35
C ALA D 71 -4.14 -34.15 2.73
N LEU D 72 -3.92 -32.84 2.79
CA LEU D 72 -3.80 -32.18 4.09
C LEU D 72 -5.02 -32.40 4.94
N SER D 73 -4.83 -32.52 6.25
CA SER D 73 -5.94 -32.71 7.16
C SER D 73 -6.83 -31.46 7.11
N MSE D 74 -8.07 -31.59 7.55
CA MSE D 74 -8.97 -30.45 7.54
C MSE D 74 -8.29 -29.25 8.17
O MSE D 74 -8.30 -28.16 7.61
CB MSE D 74 -10.25 -30.76 8.31
CG MSE D 74 -11.29 -29.69 8.25
SE MSE D 74 -11.75 -29.21 6.43
CE MSE D 74 -12.32 -30.88 5.65
N GLU D 75 -7.70 -29.44 9.34
CA GLU D 75 -7.03 -28.34 10.04
C GLU D 75 -6.02 -27.65 9.16
N LYS D 76 -5.13 -28.44 8.59
CA LYS D 76 -4.07 -27.92 7.71
C LYS D 76 -4.68 -27.20 6.49
N ARG D 77 -5.80 -27.69 5.97
CA ARG D 77 -6.48 -27.10 4.83
C ARG D 77 -7.05 -25.74 5.20
N THR D 78 -7.72 -25.71 6.35
CA THR D 78 -8.33 -24.50 6.86
C THR D 78 -7.23 -23.47 7.12
N GLU D 79 -6.10 -23.96 7.60
CA GLU D 79 -4.94 -23.13 7.86
C GLU D 79 -4.54 -22.42 6.56
N PHE D 80 -4.70 -23.13 5.45
CA PHE D 80 -4.38 -22.61 4.12
C PHE D 80 -5.40 -21.60 3.61
N ILE D 81 -6.67 -21.87 3.87
CA ILE D 81 -7.73 -20.96 3.41
C ILE D 81 -7.65 -19.61 4.07
N TRP D 82 -7.32 -19.61 5.35
CA TRP D 82 -7.21 -18.36 6.09
C TRP D 82 -6.03 -17.56 5.59
N LYS D 83 -4.95 -18.28 5.33
CA LYS D 83 -3.70 -17.71 4.88
C LYS D 83 -3.85 -17.05 3.51
N VAL D 84 -4.63 -17.69 2.64
CA VAL D 84 -4.85 -17.16 1.31
C VAL D 84 -5.86 -16.02 1.39
N ARG D 85 -6.71 -16.06 2.42
CA ARG D 85 -7.70 -14.99 2.62
C ARG D 85 -7.10 -13.72 3.20
N PHE D 86 -6.13 -13.88 4.09
CA PHE D 86 -5.46 -12.75 4.70
C PHE D 86 -4.52 -12.11 3.72
N THR D 87 -3.94 -12.92 2.84
CA THR D 87 -3.03 -12.41 1.82
C THR D 87 -3.78 -11.52 0.85
N LEU D 88 -4.75 -12.11 0.15
CA LEU D 88 -5.53 -11.37 -0.83
C LEU D 88 -6.17 -10.10 -0.29
N ASN D 89 -6.65 -10.13 0.95
CA ASN D 89 -7.28 -8.95 1.53
C ASN D 89 -6.30 -7.79 1.80
N ARG D 90 -5.04 -8.00 1.42
CA ARG D 90 -3.98 -7.00 1.57
C ARG D 90 -3.63 -6.37 0.24
N PHE D 91 -4.27 -6.79 -0.84
CA PHE D 91 -3.97 -6.23 -2.14
C PHE D 91 -4.98 -5.22 -2.67
N GLY D 92 -5.96 -4.86 -1.84
CA GLY D 92 -6.97 -3.89 -2.23
C GLY D 92 -7.74 -4.30 -3.45
N VAL D 93 -8.19 -5.54 -3.41
CA VAL D 93 -8.96 -6.15 -4.49
C VAL D 93 -10.08 -6.95 -3.87
N ASP D 94 -11.20 -7.05 -4.59
CA ASP D 94 -12.30 -7.87 -4.10
C ASP D 94 -11.97 -9.27 -4.61
N PHE D 95 -12.29 -10.30 -3.84
CA PHE D 95 -12.01 -11.66 -4.31
C PHE D 95 -13.06 -12.67 -3.94
N GLN D 96 -13.01 -13.82 -4.59
CA GLN D 96 -13.95 -14.89 -4.32
C GLN D 96 -13.22 -16.24 -4.35
N LEU D 97 -13.42 -17.01 -3.28
CA LEU D 97 -12.76 -18.32 -3.15
C LEU D 97 -13.70 -19.51 -3.31
N ASP D 98 -13.35 -20.41 -4.24
CA ASP D 98 -14.15 -21.60 -4.46
C ASP D 98 -13.38 -22.77 -3.84
N HIS D 99 -13.70 -23.05 -2.57
CA HIS D 99 -13.06 -24.13 -1.81
C HIS D 99 -14.07 -25.12 -1.27
N PRO D 100 -14.51 -26.08 -2.11
CA PRO D 100 -15.49 -27.12 -1.77
C PRO D 100 -15.43 -27.64 -0.34
N GLU D 101 -14.35 -28.32 -0.02
CA GLU D 101 -14.15 -28.87 1.31
C GLU D 101 -12.90 -28.26 1.90
N ASN D 102 -12.79 -26.95 1.75
CA ASN D 102 -11.61 -26.23 2.20
C ASN D 102 -10.47 -26.71 1.31
N VAL D 103 -10.86 -27.19 0.13
CA VAL D 103 -9.96 -27.66 -0.91
C VAL D 103 -10.17 -26.67 -2.05
N LEU D 104 -9.25 -25.72 -2.17
CA LEU D 104 -9.32 -24.65 -3.17
C LEU D 104 -9.51 -25.16 -4.61
N ASN D 105 -10.67 -24.81 -5.16
CA ASN D 105 -11.07 -25.16 -6.51
C ASN D 105 -10.58 -24.07 -7.48
N SER D 106 -10.96 -22.83 -7.21
CA SER D 106 -10.57 -21.70 -8.04
C SER D 106 -10.74 -20.40 -7.25
N TYR D 107 -10.07 -19.34 -7.71
CA TYR D 107 -10.17 -18.05 -7.04
C TYR D 107 -10.21 -16.88 -8.04
N LEU D 108 -11.09 -15.93 -7.75
CA LEU D 108 -11.28 -14.76 -8.60
C LEU D 108 -10.82 -13.48 -7.90
N VAL D 109 -9.94 -12.73 -8.57
CA VAL D 109 -9.44 -11.47 -8.03
C VAL D 109 -10.02 -10.38 -8.92
N THR D 110 -10.68 -9.39 -8.32
CA THR D 110 -11.29 -8.34 -9.10
C THR D 110 -11.07 -6.92 -8.57
N ASP D 111 -11.35 -5.94 -9.41
CA ASP D 111 -11.21 -4.54 -9.07
C ASP D 111 -11.98 -3.70 -10.07
N GLU D 112 -12.48 -2.55 -9.64
CA GLU D 112 -13.25 -1.68 -10.53
C GLU D 112 -12.54 -0.35 -10.69
N ILE D 113 -12.90 0.35 -11.75
CA ILE D 113 -12.34 1.66 -12.01
C ILE D 113 -13.53 2.42 -12.52
N PHE D 114 -13.93 3.46 -11.81
CA PHE D 114 -15.04 4.29 -12.25
C PHE D 114 -14.49 5.32 -13.22
N PHE D 115 -15.23 5.60 -14.28
CA PHE D 115 -14.80 6.55 -15.29
C PHE D 115 -14.32 7.85 -14.67
N ASP D 116 -14.78 8.08 -13.44
CA ASP D 116 -14.44 9.25 -12.62
C ASP D 116 -12.92 9.31 -12.49
N GLY D 117 -12.28 8.14 -12.36
CA GLY D 117 -10.85 8.04 -12.20
C GLY D 117 -10.10 7.25 -13.26
N LEU D 118 -10.75 7.00 -14.38
CA LEU D 118 -10.11 6.26 -15.44
C LEU D 118 -9.03 7.05 -16.21
N SER D 119 -7.93 6.38 -16.51
CA SER D 119 -6.82 6.92 -17.29
C SER D 119 -5.95 5.71 -17.58
N LYS D 120 -5.01 5.84 -18.52
CA LYS D 120 -4.14 4.73 -18.87
C LYS D 120 -3.24 4.30 -17.68
N ASP D 121 -2.62 5.27 -17.00
CA ASP D 121 -1.74 5.02 -15.87
C ASP D 121 -2.53 4.24 -14.82
N ARG D 122 -3.76 4.69 -14.59
CA ARG D 122 -4.67 4.08 -13.64
C ARG D 122 -5.05 2.66 -14.11
N LEU D 123 -5.57 2.55 -15.33
CA LEU D 123 -6.01 1.27 -15.88
C LEU D 123 -4.97 0.16 -15.84
N ILE D 124 -3.77 0.45 -16.33
CA ILE D 124 -2.69 -0.52 -16.34
C ILE D 124 -2.25 -0.95 -14.93
N SER D 125 -2.22 -0.01 -14.00
CA SER D 125 -1.81 -0.31 -12.63
C SER D 125 -2.77 -1.30 -12.03
N SER D 126 -4.05 -1.06 -12.29
CA SER D 126 -5.12 -1.90 -11.78
C SER D 126 -4.93 -3.33 -12.26
N ILE D 127 -4.59 -3.45 -13.54
CA ILE D 127 -4.39 -4.74 -14.17
C ILE D 127 -3.23 -5.48 -13.53
N LYS D 128 -2.16 -4.74 -13.25
CA LYS D 128 -0.98 -5.33 -12.64
C LYS D 128 -1.17 -5.68 -11.16
N ASN D 129 -2.07 -4.97 -10.51
CA ASN D 129 -2.32 -5.23 -9.11
C ASN D 129 -3.19 -6.46 -8.95
N VAL D 130 -4.16 -6.61 -9.83
CA VAL D 130 -5.07 -7.76 -9.81
C VAL D 130 -4.21 -9.00 -10.09
N PHE D 131 -3.27 -8.84 -10.99
CA PHE D 131 -2.41 -9.94 -11.33
C PHE D 131 -1.48 -10.33 -10.17
N ARG D 132 -0.81 -9.34 -9.58
CA ARG D 132 0.13 -9.56 -8.50
C ARG D 132 -0.50 -10.27 -7.35
N ALA D 133 -1.76 -9.93 -7.08
CA ALA D 133 -2.49 -10.54 -6.00
C ALA D 133 -2.71 -12.00 -6.34
N LYS D 134 -3.22 -12.23 -7.55
CA LYS D 134 -3.50 -13.58 -7.99
C LYS D 134 -2.21 -14.36 -8.09
N LEU D 135 -1.12 -13.65 -8.35
CA LEU D 135 0.18 -14.29 -8.46
C LEU D 135 0.68 -14.84 -7.11
N GLN D 136 0.52 -14.04 -6.06
CA GLN D 136 0.91 -14.42 -4.70
C GLN D 136 0.20 -15.66 -4.20
N VAL D 137 -1.05 -15.84 -4.63
CA VAL D 137 -1.81 -17.00 -4.21
C VAL D 137 -1.29 -18.19 -4.99
N MSE D 138 -0.98 -17.97 -6.27
CA MSE D 138 -0.46 -19.04 -7.09
C MSE D 138 0.88 -19.46 -6.49
O MSE D 138 1.12 -20.63 -6.24
CB MSE D 138 -0.28 -18.57 -8.56
CG MSE D 138 0.22 -19.68 -9.48
SE MSE D 138 0.79 -19.06 -11.25
CE MSE D 138 2.61 -18.55 -10.91
N TRP D 139 1.75 -18.48 -6.25
CA TRP D 139 3.08 -18.74 -5.68
C TRP D 139 3.03 -19.45 -4.35
N MSE D 140 1.95 -19.25 -3.60
CA MSE D 140 1.80 -19.89 -2.31
C MSE D 140 1.56 -21.39 -2.55
O MSE D 140 2.13 -22.24 -1.86
CB MSE D 140 0.61 -19.28 -1.56
CG MSE D 140 0.83 -17.87 -1.03
SE MSE D 140 -0.61 -17.34 0.18
CE MSE D 140 -1.72 -16.29 -1.00
N ILE D 141 0.69 -21.68 -3.50
CA ILE D 141 0.35 -23.06 -3.85
C ILE D 141 1.55 -23.79 -4.39
N GLN D 142 2.31 -23.11 -5.26
CA GLN D 142 3.49 -23.71 -5.85
C GLN D 142 4.61 -23.94 -4.87
N GLU D 143 4.85 -22.98 -3.98
CA GLU D 143 5.91 -23.13 -3.00
C GLU D 143 5.69 -24.39 -2.14
N ARG D 144 4.42 -24.67 -1.84
CA ARG D 144 4.05 -25.81 -1.04
C ARG D 144 4.02 -27.13 -1.82
N PHE D 145 3.21 -27.16 -2.90
CA PHE D 145 3.06 -28.36 -3.72
C PHE D 145 3.87 -28.41 -5.02
N GLY D 146 4.76 -27.47 -5.24
CA GLY D 146 5.53 -27.49 -6.47
C GLY D 146 4.78 -26.97 -7.68
#